data_8R4D
#
_entry.id   8R4D
#
_cell.length_a   1.00
_cell.length_b   1.00
_cell.length_c   1.00
_cell.angle_alpha   90.00
_cell.angle_beta   90.00
_cell.angle_gamma   90.00
#
_symmetry.space_group_name_H-M   'P 1'
#
loop_
_entity.id
_entity.type
_entity.pdbx_description
1 polymer 'Rab family protein'
2 polymer NbRoco1
3 non-polymer "5'-GUANOSINE-DIPHOSPHATE-MONOTHIOPHOSPHATE"
#
loop_
_entity_poly.entity_id
_entity_poly.type
_entity_poly.pdbx_seq_one_letter_code
_entity_poly.pdbx_strand_id
1 'polypeptide(L)'
;GAMGSMSDLDVIRQIEQELGMQLEPVDKLKWYSKGYKLDKDQRVTAIGLYDCGSDTLDRIIQPLESLKSLSELSLSSNQI
TDISPLASLNSLSMLWLDRNQITDIAPLASLNSLSMLWLFGNKISDIAPLESLKSLTELQLSSNQITDIAPLASLKSLTE
LSLSGNNISDIAPLESLKSLTELSLSSNQITDIAPLASLKSLTELSLSSNQISDIAPLESLKSLTELQLSRNQISDIAPL
ESLKSLTELQLSSNQITDIAPLASLKSLTELQLSRNQISDIAPLESLNSLSKLWLNGNQITDIAPLASLNSLTELELSSN
QITDIAPLASLKSLSTLWLSSNQISDIAPLASLESLSELSLSSNQISDISPLASLNSLTGFDVRRNPIKRLPETITGFDM
EILWNDFSSSGFITFFDNPLESPPPEIVKQGKEAVRQYFQSIEEARSKGEALVHLQEIKVHLIGDGMAGKTSLLKQLIGE
TFDPKESQTHGLNVVTKQAPNIKGLENDDELKECLFHFWDFGGQEIMHASHQFFMTRSSVYMLLLDSRTDSNKHYWLRHI
EKYGGKSPVIVVMNKIDENPSYNIEQKKINERFPAIENRFHRISCKNGDGVESIAKSLKSAVLHPDSIYGTPLAPSWIKV
KEKLVEATTAQRYLNRTEVEKICNDSGITDPGERKTLLGYLNNLGIVLYFEALDLSEIYVLDPHWVTIGVYRIINSSKTK
NGHLNTSALGYILNEEQIRCDEYDPAKNNKFTYTLLEQRYLLDIMKQFELCYDEGKGLFIIPSNLPTQIDNEPEITEGEP
LRFIMKYDYLPSTIIPRLMIAMQHQILDRMQWRYGMVLKSQDHEGALAKVVAETKDSTITIAIQGEPRCKREYLSIIWYE
IKKINANFTNLDVKEFIPLPGHPDELVEYKELLGLEKMGRDEYVSGKLEKVFSVSKMLDSVISKEERNKERLMGDINIKL
ENIGNPTIPIHQQVEVNVSQETVQHVENLQGFFENLKADILREAELEIDDPKERKRLANELELAENAITKMDAAVKSGKN
KLKPDVKDRLGEFIDNLANENSRLRKGIALVMNGAEKVQKLARYYNNVAPFFDLPSVPPVLLGKEKT
;
A
2 'polypeptide(L)'
;QVQLQESGGGLVQAGGSLRLSCANSGLTFSTYTMGWFRQAPGKEREFVAAIRWSGTSTYYQDHADSVKGRFTISRDNAKN
TVYLQMNSLKPEDTAVYYCAASRLRAGVKAPSEYDYWGQGTQVTVSSHHHHHHEPEA
;
B
#
# COMPACT_ATOMS: atom_id res chain seq x y z
N LEU A 452 11.98 -14.27 -18.81
CA LEU A 452 11.25 -15.07 -17.84
C LEU A 452 9.75 -14.80 -17.93
N VAL A 453 9.05 -15.00 -16.81
CA VAL A 453 7.60 -14.79 -16.73
C VAL A 453 7.34 -13.68 -15.73
N HIS A 454 6.52 -12.70 -16.13
CA HIS A 454 6.22 -11.55 -15.29
C HIS A 454 4.95 -11.80 -14.49
N LEU A 455 4.68 -10.90 -13.55
CA LEU A 455 3.58 -11.09 -12.60
C LEU A 455 2.28 -10.46 -13.10
N GLN A 456 2.33 -9.18 -13.49
CA GLN A 456 1.17 -8.48 -14.06
C GLN A 456 0.02 -8.41 -13.05
N GLU A 457 0.32 -7.97 -11.84
CA GLU A 457 -0.69 -7.80 -10.81
C GLU A 457 -0.34 -6.59 -9.95
N ILE A 458 -1.36 -6.02 -9.32
CA ILE A 458 -1.19 -4.83 -8.49
C ILE A 458 -2.40 -4.71 -7.58
N LYS A 459 -2.24 -4.00 -6.46
CA LYS A 459 -3.32 -3.74 -5.52
C LYS A 459 -3.51 -2.24 -5.35
N VAL A 460 -4.77 -1.84 -5.15
CA VAL A 460 -5.13 -0.43 -4.98
C VAL A 460 -5.99 -0.31 -3.74
N HIS A 461 -5.52 0.44 -2.75
CA HIS A 461 -6.30 0.73 -1.56
C HIS A 461 -6.85 2.15 -1.66
N LEU A 462 -8.18 2.26 -1.64
CA LEU A 462 -8.83 3.56 -1.62
C LEU A 462 -8.84 4.09 -0.21
N ILE A 463 -8.34 5.30 -0.02
CA ILE A 463 -8.09 5.86 1.30
C ILE A 463 -8.96 7.11 1.45
N GLY A 464 -10.14 6.92 2.05
CA GLY A 464 -11.03 8.01 2.35
C GLY A 464 -10.84 8.55 3.75
N ASP A 465 -11.83 9.31 4.20
CA ASP A 465 -11.83 9.85 5.56
C ASP A 465 -13.18 9.66 6.24
N GLY A 469 -17.95 9.20 -2.15
CA GLY A 469 -16.50 9.07 -2.21
C GLY A 469 -16.05 7.71 -2.69
N LYS A 470 -15.98 6.77 -1.75
CA LYS A 470 -15.62 5.39 -2.10
C LYS A 470 -16.65 4.79 -3.05
N THR A 471 -17.93 5.08 -2.82
CA THR A 471 -18.96 4.65 -3.75
C THR A 471 -18.80 5.33 -5.11
N SER A 472 -18.32 6.58 -5.09
CA SER A 472 -18.12 7.31 -6.35
C SER A 472 -17.07 6.61 -7.21
N LEU A 473 -15.98 6.15 -6.60
CA LEU A 473 -15.00 5.37 -7.33
C LEU A 473 -15.43 3.92 -7.55
N LEU A 474 -16.43 3.46 -6.81
CA LEU A 474 -17.08 2.19 -7.16
C LEU A 474 -17.96 2.33 -8.39
N LYS A 475 -18.39 3.55 -8.71
CA LYS A 475 -19.14 3.77 -9.94
C LYS A 475 -18.26 3.60 -11.18
N GLN A 476 -16.95 3.81 -11.04
CA GLN A 476 -16.04 3.53 -12.14
C GLN A 476 -15.75 2.05 -12.28
N LEU A 477 -16.02 1.26 -11.23
CA LEU A 477 -15.84 -0.19 -11.32
C LEU A 477 -16.97 -0.85 -12.08
N ILE A 478 -18.18 -0.31 -11.99
CA ILE A 478 -19.33 -0.86 -12.70
C ILE A 478 -19.36 -0.30 -14.12
N GLY A 491 -17.24 -1.78 -2.02
CA GLY A 491 -17.46 -3.22 -2.06
C GLY A 491 -16.83 -3.94 -0.88
N LEU A 492 -16.76 -3.25 0.25
CA LEU A 492 -16.15 -3.78 1.48
C LEU A 492 -14.73 -4.24 1.25
N ASN A 493 -14.01 -3.55 0.36
CA ASN A 493 -12.62 -3.84 0.03
C ASN A 493 -12.45 -5.20 -0.64
N VAL A 494 -11.25 -5.46 -1.13
CA VAL A 494 -10.89 -6.74 -1.75
C VAL A 494 -11.86 -7.08 -2.88
N VAL A 495 -11.71 -6.39 -4.00
CA VAL A 495 -12.46 -6.72 -5.22
C VAL A 495 -11.47 -6.78 -6.38
N THR A 496 -11.74 -7.66 -7.33
CA THR A 496 -10.82 -7.96 -8.42
C THR A 496 -11.37 -7.43 -9.73
N LYS A 497 -10.48 -6.86 -10.55
CA LYS A 497 -10.87 -6.33 -11.86
C LYS A 497 -9.75 -6.57 -12.87
N GLN A 498 -10.13 -6.52 -14.14
CA GLN A 498 -9.20 -6.63 -15.25
C GLN A 498 -9.31 -5.37 -16.11
N ALA A 499 -8.40 -5.24 -17.08
CA ALA A 499 -8.41 -4.07 -17.95
C ALA A 499 -9.76 -3.82 -18.63
N PRO A 500 -10.47 -4.81 -19.18
CA PRO A 500 -11.82 -4.52 -19.69
C PRO A 500 -12.78 -4.01 -18.63
N ASN A 501 -12.60 -4.43 -17.38
CA ASN A 501 -13.54 -4.04 -16.33
C ASN A 501 -13.49 -2.53 -16.08
N ILE A 502 -12.29 -1.94 -16.07
CA ILE A 502 -12.16 -0.51 -15.79
C ILE A 502 -12.64 0.29 -17.00
N LYS A 503 -13.51 1.26 -16.75
CA LYS A 503 -14.02 2.13 -17.79
C LYS A 503 -13.06 3.29 -18.02
N GLY A 504 -12.68 3.50 -19.27
CA GLY A 504 -11.75 4.55 -19.64
C GLY A 504 -10.31 4.12 -19.76
N LEU A 505 -9.97 2.92 -19.29
CA LEU A 505 -8.60 2.40 -19.37
C LEU A 505 -8.52 1.15 -20.24
N GLU A 506 -9.65 0.69 -20.79
CA GLU A 506 -9.65 -0.47 -21.66
C GLU A 506 -9.23 -0.13 -23.09
N ASN A 507 -9.10 1.15 -23.42
CA ASN A 507 -8.62 1.54 -24.74
C ASN A 507 -7.17 1.13 -24.94
N ASP A 508 -6.37 1.21 -23.88
CA ASP A 508 -4.94 0.90 -23.97
C ASP A 508 -4.76 -0.62 -23.91
N ASP A 509 -4.24 -1.19 -24.99
CA ASP A 509 -3.85 -2.60 -25.01
C ASP A 509 -2.51 -2.83 -24.34
N GLU A 510 -1.84 -1.76 -23.90
CA GLU A 510 -0.57 -1.90 -23.18
C GLU A 510 -0.74 -2.70 -21.89
N LEU A 511 -1.88 -2.57 -21.23
CA LEU A 511 -2.13 -3.19 -19.94
C LEU A 511 -3.34 -4.10 -20.00
N LYS A 512 -3.52 -4.79 -21.12
CA LYS A 512 -4.69 -5.65 -21.29
C LYS A 512 -4.70 -6.79 -20.28
N GLU A 513 -3.56 -7.43 -20.09
CA GLU A 513 -3.43 -8.54 -19.13
C GLU A 513 -2.82 -8.02 -17.83
N CYS A 514 -3.60 -7.20 -17.13
CA CYS A 514 -3.19 -6.66 -15.84
C CYS A 514 -4.32 -6.85 -14.84
N LEU A 515 -3.99 -7.40 -13.67
CA LEU A 515 -4.95 -7.59 -12.60
C LEU A 515 -4.95 -6.37 -11.69
N PHE A 516 -6.13 -5.98 -11.22
CA PHE A 516 -6.31 -4.85 -10.32
C PHE A 516 -7.04 -5.32 -9.08
N HIS A 517 -6.50 -4.98 -7.91
CA HIS A 517 -7.12 -5.31 -6.63
C HIS A 517 -7.48 -4.01 -5.93
N PHE A 518 -8.76 -3.84 -5.63
CA PHE A 518 -9.26 -2.62 -5.02
C PHE A 518 -9.73 -2.91 -3.60
N TRP A 519 -9.15 -2.19 -2.63
CA TRP A 519 -9.56 -2.26 -1.24
C TRP A 519 -9.96 -0.86 -0.78
N ASP A 520 -10.90 -0.81 0.17
CA ASP A 520 -11.38 0.48 0.66
C ASP A 520 -12.12 0.29 1.98
N PHE A 521 -11.93 1.26 2.89
CA PHE A 521 -12.61 1.28 4.18
C PHE A 521 -13.01 2.70 4.55
N GLY A 522 -13.47 2.89 5.79
CA GLY A 522 -13.85 4.21 6.26
C GLY A 522 -14.52 4.21 7.61
N GLY A 523 -14.19 5.18 8.44
CA GLY A 523 -14.77 5.28 9.75
C GLY A 523 -13.91 6.12 10.67
N GLN A 524 -14.34 6.18 11.93
CA GLN A 524 -13.66 6.96 12.96
C GLN A 524 -12.76 6.10 13.82
N GLU A 525 -13.29 5.02 14.40
CA GLU A 525 -12.51 4.12 15.22
C GLU A 525 -12.04 2.88 14.47
N ILE A 526 -12.48 2.67 13.24
CA ILE A 526 -11.95 1.61 12.40
C ILE A 526 -10.50 1.94 12.06
N MET A 527 -9.58 1.05 12.44
CA MET A 527 -8.16 1.34 12.30
C MET A 527 -7.44 0.01 12.01
N HIS A 528 -7.14 -0.21 10.74
CA HIS A 528 -6.41 -1.41 10.29
C HIS A 528 -5.26 -0.92 9.42
N ALA A 529 -4.15 -0.55 10.07
CA ALA A 529 -2.97 -0.11 9.31
C ALA A 529 -2.43 -1.23 8.44
N SER A 530 -2.29 -2.42 9.02
CA SER A 530 -1.93 -3.63 8.28
C SER A 530 -3.14 -4.57 8.34
N HIS A 531 -3.76 -4.79 7.18
CA HIS A 531 -5.04 -5.46 7.07
C HIS A 531 -5.13 -6.76 7.84
N ARG A 537 5.79 -1.29 -0.93
CA ARG A 537 5.27 -0.84 -2.21
C ARG A 537 4.21 -1.81 -2.73
N SER A 538 4.34 -2.19 -4.00
CA SER A 538 3.48 -3.18 -4.64
C SER A 538 2.01 -2.74 -4.64
N SER A 539 1.76 -1.44 -4.76
CA SER A 539 0.39 -0.95 -4.74
C SER A 539 0.36 0.47 -5.29
N VAL A 540 -0.86 0.99 -5.43
CA VAL A 540 -1.10 2.39 -5.75
C VAL A 540 -2.24 2.88 -4.87
N TYR A 541 -2.04 4.01 -4.20
CA TYR A 541 -3.00 4.56 -3.24
C TYR A 541 -3.66 5.79 -3.84
N MET A 542 -4.96 5.71 -4.12
CA MET A 542 -5.72 6.89 -4.52
C MET A 542 -6.36 7.49 -3.28
N LEU A 543 -5.74 8.55 -2.77
CA LEU A 543 -6.31 9.29 -1.66
C LEU A 543 -7.56 10.02 -2.11
N LEU A 544 -8.55 10.06 -1.22
CA LEU A 544 -9.86 10.63 -1.53
C LEU A 544 -10.10 11.84 -0.62
N LEU A 545 -10.62 12.91 -1.20
CA LEU A 545 -10.87 14.12 -0.42
C LEU A 545 -12.27 14.64 -0.68
N ASP A 546 -12.82 15.29 0.35
CA ASP A 546 -14.09 15.99 0.27
C ASP A 546 -13.94 17.32 1.01
N SER A 547 -14.74 18.30 0.59
CA SER A 547 -14.54 19.67 1.06
C SER A 547 -14.66 19.79 2.58
N ARG A 548 -15.55 19.02 3.19
CA ARG A 548 -15.72 19.10 4.63
C ARG A 548 -14.59 18.41 5.39
N THR A 549 -13.92 17.46 4.76
CA THR A 549 -12.86 16.69 5.42
C THR A 549 -11.46 17.19 5.08
N ASP A 550 -11.33 18.29 4.34
CA ASP A 550 -10.02 18.81 3.98
C ASP A 550 -9.20 19.24 5.19
N SER A 551 -9.87 19.57 6.31
CA SER A 551 -9.13 19.93 7.51
C SER A 551 -8.27 18.76 7.99
N ASN A 552 -8.82 17.55 7.94
CA ASN A 552 -8.05 16.34 8.25
C ASN A 552 -7.54 15.71 6.95
N LYS A 553 -6.51 16.35 6.40
CA LYS A 553 -5.91 15.89 5.15
C LYS A 553 -4.49 15.35 5.35
N HIS A 554 -3.74 15.94 6.28
CA HIS A 554 -2.39 15.47 6.57
C HIS A 554 -2.38 14.06 7.15
N TYR A 555 -3.50 13.64 7.75
CA TYR A 555 -3.61 12.34 8.40
C TYR A 555 -3.35 11.18 7.44
N TRP A 556 -4.21 11.04 6.42
CA TRP A 556 -4.07 9.88 5.53
C TRP A 556 -2.85 9.99 4.63
N LEU A 557 -2.43 11.19 4.28
CA LEU A 557 -1.20 11.35 3.50
C LEU A 557 0.01 10.87 4.29
N ARG A 558 0.11 11.28 5.55
CA ARG A 558 1.20 10.78 6.38
C ARG A 558 1.05 9.29 6.65
N HIS A 559 -0.19 8.78 6.69
CA HIS A 559 -0.40 7.35 6.82
C HIS A 559 0.18 6.60 5.63
N ILE A 560 -0.05 7.11 4.41
CA ILE A 560 0.53 6.51 3.22
C ILE A 560 2.04 6.60 3.25
N GLU A 561 2.58 7.73 3.71
CA GLU A 561 4.03 7.88 3.77
C GLU A 561 4.66 6.90 4.75
N LYS A 562 4.02 6.69 5.90
CA LYS A 562 4.59 5.83 6.93
C LYS A 562 4.35 4.35 6.64
N TYR A 563 3.09 3.94 6.59
CA TYR A 563 2.75 2.54 6.33
C TYR A 563 2.63 2.33 4.82
N GLY A 564 2.16 1.15 4.42
CA GLY A 564 1.94 0.91 3.01
C GLY A 564 3.22 0.50 2.30
N GLY A 565 3.85 1.46 1.63
CA GLY A 565 5.14 1.27 1.03
C GLY A 565 5.69 2.56 0.48
N LYS A 566 6.40 2.48 -0.65
CA LYS A 566 6.80 3.66 -1.43
C LYS A 566 5.92 3.77 -2.67
N SER A 567 4.66 3.42 -2.53
CA SER A 567 3.71 3.26 -3.61
C SER A 567 3.34 4.61 -4.23
N PRO A 568 3.05 4.62 -5.53
CA PRO A 568 2.53 5.85 -6.15
C PRO A 568 1.22 6.27 -5.51
N VAL A 569 1.04 7.57 -5.37
CA VAL A 569 -0.15 8.14 -4.73
C VAL A 569 -0.84 9.08 -5.72
N ILE A 570 -2.15 8.91 -5.84
CA ILE A 570 -2.98 9.75 -6.71
C ILE A 570 -4.02 10.40 -5.80
N VAL A 571 -3.94 11.72 -5.64
CA VAL A 571 -4.93 12.42 -4.82
C VAL A 571 -6.07 12.87 -5.71
N VAL A 572 -7.31 12.55 -5.30
CA VAL A 572 -8.49 12.93 -6.06
C VAL A 572 -9.48 13.62 -5.12
N MET A 573 -10.01 14.74 -5.56
CA MET A 573 -11.02 15.50 -4.83
C MET A 573 -12.38 15.25 -5.46
N ASN A 574 -13.34 14.81 -4.65
CA ASN A 574 -14.64 14.40 -5.13
C ASN A 574 -15.71 15.34 -4.57
N LYS A 575 -16.89 15.30 -5.18
CA LYS A 575 -18.01 16.17 -4.84
C LYS A 575 -17.64 17.64 -5.04
N ILE A 576 -17.25 17.96 -6.28
CA ILE A 576 -16.93 19.34 -6.66
C ILE A 576 -18.17 20.11 -7.08
N ASP A 577 -19.30 19.45 -7.29
CA ASP A 577 -20.51 20.14 -7.71
C ASP A 577 -21.12 21.00 -6.60
N GLU A 578 -21.01 20.57 -5.34
CA GLU A 578 -21.54 21.36 -4.25
C GLU A 578 -20.74 22.64 -4.05
N ASN A 579 -19.42 22.58 -4.25
CA ASN A 579 -18.54 23.75 -4.17
C ASN A 579 -17.66 23.77 -5.41
N PRO A 580 -18.17 24.30 -6.52
CA PRO A 580 -17.37 24.36 -7.75
C PRO A 580 -16.21 25.34 -7.72
N SER A 581 -16.03 26.08 -6.62
CA SER A 581 -14.98 27.07 -6.51
C SER A 581 -13.84 26.64 -5.60
N TYR A 582 -13.89 25.44 -5.02
CA TYR A 582 -12.86 25.01 -4.10
C TYR A 582 -11.85 24.11 -4.82
N ASN A 583 -10.58 24.54 -4.79
CA ASN A 583 -9.45 23.73 -5.25
C ASN A 583 -8.36 23.80 -4.20
N ILE A 584 -7.77 22.66 -3.87
CA ILE A 584 -6.67 22.62 -2.92
C ILE A 584 -5.40 23.11 -3.60
N GLU A 585 -4.38 23.44 -2.79
CA GLU A 585 -3.08 23.83 -3.32
C GLU A 585 -2.30 22.57 -3.63
N GLN A 586 -2.57 22.01 -4.81
CA GLN A 586 -1.99 20.72 -5.18
C GLN A 586 -0.47 20.80 -5.34
N LYS A 587 0.07 21.97 -5.65
CA LYS A 587 1.52 22.11 -5.80
C LYS A 587 2.23 21.88 -4.48
N LYS A 588 1.72 22.47 -3.40
CA LYS A 588 2.38 22.37 -2.11
C LYS A 588 2.40 20.94 -1.60
N ILE A 589 1.26 20.24 -1.70
CA ILE A 589 1.22 18.86 -1.23
C ILE A 589 1.97 17.94 -2.19
N ASN A 590 2.02 18.28 -3.48
CA ASN A 590 2.79 17.48 -4.42
C ASN A 590 4.28 17.56 -4.12
N GLU A 591 4.79 18.75 -3.82
CA GLU A 591 6.20 18.86 -3.44
C GLU A 591 6.44 18.30 -2.05
N ARG A 592 5.43 18.35 -1.17
CA ARG A 592 5.59 17.78 0.17
C ARG A 592 5.61 16.26 0.13
N PHE A 593 4.87 15.65 -0.78
CA PHE A 593 4.79 14.20 -0.91
C PHE A 593 5.33 13.77 -2.26
N PRO A 594 6.51 13.18 -2.33
CA PRO A 594 7.15 12.92 -3.63
C PRO A 594 6.56 11.73 -4.39
N ALA A 595 5.55 11.07 -3.85
CA ALA A 595 4.89 9.96 -4.53
C ALA A 595 3.67 10.40 -5.31
N ILE A 596 3.42 11.71 -5.39
CA ILE A 596 2.25 12.24 -6.08
C ILE A 596 2.61 12.51 -7.54
N GLU A 597 3.57 13.41 -7.75
CA GLU A 597 4.02 13.81 -9.08
C GLU A 597 2.86 14.28 -9.97
N ASN A 598 2.01 15.13 -9.38
CA ASN A 598 0.96 15.84 -10.11
C ASN A 598 -0.02 14.89 -10.78
N ARG A 599 -0.59 14.00 -9.99
CA ARG A 599 -1.67 13.10 -10.43
C ARG A 599 -2.91 13.50 -9.64
N PHE A 600 -3.65 14.48 -10.16
CA PHE A 600 -4.78 15.08 -9.45
C PHE A 600 -6.01 15.07 -10.31
N HIS A 601 -7.17 15.01 -9.66
CA HIS A 601 -8.46 15.12 -10.33
C HIS A 601 -9.39 15.98 -9.48
N ARG A 602 -10.29 16.68 -10.14
CA ARG A 602 -11.26 17.57 -9.49
C ARG A 602 -12.65 17.34 -10.07
N ILE A 603 -13.05 16.09 -10.16
CA ILE A 603 -14.31 15.70 -10.78
C ILE A 603 -15.29 15.32 -9.69
N SER A 604 -16.58 15.47 -10.00
CA SER A 604 -17.67 15.06 -9.13
C SER A 604 -18.47 13.94 -9.77
N CYS A 605 -19.42 13.42 -9.01
CA CYS A 605 -20.27 12.34 -9.50
C CYS A 605 -21.73 12.64 -9.24
N GLU A 612 -12.09 10.04 -18.55
CA GLU A 612 -11.67 10.56 -17.25
C GLU A 612 -10.16 10.54 -17.10
N SER A 613 -9.61 11.59 -16.49
CA SER A 613 -8.19 11.64 -16.19
C SER A 613 -7.77 10.61 -15.14
N ILE A 614 -8.74 10.01 -14.44
CA ILE A 614 -8.44 8.99 -13.45
C ILE A 614 -7.75 7.80 -14.11
N ALA A 615 -8.22 7.40 -15.29
CA ALA A 615 -7.60 6.28 -16.00
C ALA A 615 -6.16 6.60 -16.39
N LYS A 616 -5.92 7.83 -16.87
CA LYS A 616 -4.56 8.21 -17.25
C LYS A 616 -3.64 8.24 -16.04
N SER A 617 -4.11 8.80 -14.93
CA SER A 617 -3.30 8.83 -13.71
C SER A 617 -3.02 7.42 -13.21
N LEU A 618 -4.03 6.55 -13.24
CA LEU A 618 -3.84 5.17 -12.78
C LEU A 618 -2.81 4.45 -13.65
N LYS A 619 -2.91 4.62 -14.97
CA LYS A 619 -1.95 3.97 -15.86
C LYS A 619 -0.55 4.49 -15.62
N SER A 620 -0.39 5.82 -15.54
CA SER A 620 0.92 6.40 -15.32
C SER A 620 1.48 6.06 -13.95
N ALA A 621 0.62 5.67 -13.00
CA ALA A 621 1.09 5.28 -11.68
C ALA A 621 1.43 3.80 -11.57
N VAL A 622 0.74 2.93 -12.31
CA VAL A 622 0.97 1.50 -12.20
C VAL A 622 2.37 1.14 -12.71
N LEU A 623 2.76 1.69 -13.86
CA LEU A 623 4.04 1.34 -14.48
C LEU A 623 5.11 2.29 -13.93
N HIS A 624 5.58 1.96 -12.74
CA HIS A 624 6.56 2.76 -12.02
C HIS A 624 7.62 1.83 -11.43
N PRO A 625 8.89 2.23 -11.44
CA PRO A 625 9.92 1.41 -10.79
C PRO A 625 9.68 1.20 -9.30
N ASP A 626 9.08 2.18 -8.62
CA ASP A 626 8.75 2.05 -7.21
C ASP A 626 7.55 1.16 -6.95
N SER A 627 7.02 0.51 -7.98
CA SER A 627 5.91 -0.42 -7.86
C SER A 627 6.25 -1.68 -8.63
N ILE A 628 5.54 -2.77 -8.33
CA ILE A 628 5.73 -4.03 -9.02
C ILE A 628 4.46 -4.34 -9.80
N TYR A 629 4.51 -4.14 -11.11
CA TYR A 629 3.53 -4.69 -12.04
C TYR A 629 4.18 -5.62 -13.04
N GLY A 630 5.27 -5.19 -13.65
CA GLY A 630 6.10 -6.08 -14.43
C GLY A 630 7.39 -6.39 -13.70
N THR A 631 7.46 -7.58 -13.10
CA THR A 631 8.63 -8.01 -12.34
C THR A 631 9.03 -9.39 -12.85
N PRO A 632 10.26 -9.60 -13.29
CA PRO A 632 10.65 -10.90 -13.86
C PRO A 632 11.05 -11.88 -12.76
N LEU A 633 10.27 -12.95 -12.63
CA LEU A 633 10.55 -14.03 -11.69
C LEU A 633 10.41 -15.36 -12.42
N ALA A 634 11.03 -16.39 -11.85
CA ALA A 634 11.01 -17.70 -12.48
C ALA A 634 9.58 -18.24 -12.53
N PRO A 635 9.21 -18.97 -13.58
CA PRO A 635 7.84 -19.53 -13.64
C PRO A 635 7.52 -20.46 -12.49
N SER A 636 8.52 -21.15 -11.94
CA SER A 636 8.29 -21.97 -10.76
C SER A 636 7.70 -21.15 -9.62
N TRP A 637 8.11 -19.88 -9.51
CA TRP A 637 7.54 -19.01 -8.49
C TRP A 637 6.05 -18.80 -8.70
N ILE A 638 5.62 -18.63 -9.96
CA ILE A 638 4.20 -18.42 -10.20
C ILE A 638 3.42 -19.71 -9.99
N LYS A 639 4.02 -20.88 -10.29
CA LYS A 639 3.35 -22.14 -9.94
C LYS A 639 3.19 -22.28 -8.43
N VAL A 640 4.23 -21.92 -7.67
CA VAL A 640 4.14 -21.98 -6.21
C VAL A 640 3.10 -21.01 -5.70
N LYS A 641 3.03 -19.81 -6.29
CA LYS A 641 2.04 -18.83 -5.88
C LYS A 641 0.62 -19.34 -6.16
N GLU A 642 0.40 -19.95 -7.32
CA GLU A 642 -0.92 -20.50 -7.62
C GLU A 642 -1.28 -21.63 -6.67
N LYS A 643 -0.32 -22.50 -6.35
CA LYS A 643 -0.59 -23.58 -5.39
C LYS A 643 -0.90 -23.01 -4.01
N LEU A 644 -0.17 -21.97 -3.60
CA LEU A 644 -0.44 -21.33 -2.32
C LEU A 644 -1.83 -20.72 -2.29
N VAL A 645 -2.24 -20.09 -3.38
CA VAL A 645 -3.58 -19.52 -3.46
C VAL A 645 -4.63 -20.63 -3.37
N GLU A 646 -4.40 -21.74 -4.07
CA GLU A 646 -5.35 -22.85 -4.03
C GLU A 646 -5.46 -23.42 -2.62
N ALA A 647 -4.35 -23.53 -1.90
CA ALA A 647 -4.39 -24.04 -0.54
C ALA A 647 -5.04 -23.04 0.42
N THR A 648 -4.80 -21.75 0.22
CA THR A 648 -5.24 -20.74 1.17
C THR A 648 -6.69 -20.34 0.97
N THR A 649 -7.23 -20.52 -0.24
CA THR A 649 -8.64 -20.17 -0.47
C THR A 649 -9.59 -21.10 0.28
N ALA A 650 -9.11 -22.26 0.73
CA ALA A 650 -9.91 -23.20 1.51
C ALA A 650 -9.38 -23.37 2.93
N GLN A 651 -8.09 -23.67 3.08
CA GLN A 651 -7.52 -23.83 4.41
C GLN A 651 -7.56 -22.53 5.20
N ARG A 652 -7.26 -21.41 4.55
CA ARG A 652 -7.33 -20.06 5.10
C ARG A 652 -6.17 -19.77 6.07
N TYR A 653 -5.37 -20.77 6.39
CA TYR A 653 -4.21 -20.56 7.25
C TYR A 653 -3.23 -21.71 7.08
N LEU A 654 -2.03 -21.42 6.59
CA LEU A 654 -1.01 -22.43 6.35
C LEU A 654 -0.15 -22.64 7.59
N ASN A 655 0.41 -23.84 7.68
CA ASN A 655 1.43 -24.16 8.67
C ASN A 655 2.80 -23.90 8.08
N ARG A 656 3.77 -23.62 8.95
CA ARG A 656 5.15 -23.45 8.49
C ARG A 656 5.64 -24.71 7.79
N THR A 657 5.25 -25.88 8.30
CA THR A 657 5.62 -27.13 7.65
C THR A 657 5.03 -27.21 6.25
N GLU A 658 3.75 -26.87 6.10
CA GLU A 658 3.14 -26.89 4.78
C GLU A 658 3.73 -25.82 3.87
N VAL A 659 4.08 -24.66 4.43
CA VAL A 659 4.74 -23.61 3.64
C VAL A 659 6.05 -24.14 3.07
N GLU A 660 6.86 -24.77 3.91
CA GLU A 660 8.13 -25.32 3.46
C GLU A 660 7.92 -26.44 2.45
N LYS A 661 6.89 -27.27 2.67
CA LYS A 661 6.60 -28.36 1.73
C LYS A 661 6.25 -27.82 0.35
N ILE A 662 5.39 -26.79 0.30
CA ILE A 662 5.03 -26.20 -0.99
C ILE A 662 6.23 -25.51 -1.61
N CYS A 663 7.05 -24.85 -0.80
CA CYS A 663 8.23 -24.16 -1.33
C CYS A 663 9.22 -25.15 -1.94
N ASN A 664 9.42 -26.30 -1.29
CA ASN A 664 10.35 -27.30 -1.77
C ASN A 664 9.73 -28.24 -2.79
N ASP A 665 8.42 -28.14 -3.04
CA ASP A 665 7.83 -28.80 -4.20
C ASP A 665 8.57 -28.40 -5.46
N SER A 666 8.95 -27.14 -5.57
CA SER A 666 9.83 -26.66 -6.62
C SER A 666 11.30 -26.68 -6.21
N GLY A 667 11.61 -27.22 -5.04
CA GLY A 667 12.97 -27.32 -4.57
C GLY A 667 13.52 -26.09 -3.89
N ILE A 668 12.73 -25.02 -3.77
CA ILE A 668 13.22 -23.76 -3.21
C ILE A 668 13.16 -23.85 -1.69
N THR A 669 14.32 -23.71 -1.04
CA THR A 669 14.39 -23.72 0.41
C THR A 669 15.25 -22.61 0.98
N ASP A 670 15.79 -21.73 0.14
CA ASP A 670 16.56 -20.60 0.64
C ASP A 670 15.65 -19.70 1.47
N PRO A 671 16.01 -19.39 2.72
CA PRO A 671 15.19 -18.46 3.50
C PRO A 671 14.97 -17.13 2.82
N GLY A 672 15.99 -16.61 2.12
CA GLY A 672 15.81 -15.38 1.37
C GLY A 672 14.83 -15.53 0.22
N GLU A 673 14.94 -16.63 -0.53
CA GLU A 673 14.05 -16.85 -1.66
C GLU A 673 12.61 -17.03 -1.21
N ARG A 674 12.40 -17.87 -0.20
CA ARG A 674 11.04 -18.07 0.33
C ARG A 674 10.50 -16.77 0.93
N LYS A 675 11.37 -16.02 1.60
CA LYS A 675 10.94 -14.74 2.18
C LYS A 675 10.50 -13.77 1.10
N THR A 676 11.24 -13.69 -0.01
CA THR A 676 10.84 -12.82 -1.11
C THR A 676 9.56 -13.30 -1.77
N LEU A 677 9.38 -14.61 -1.92
CA LEU A 677 8.15 -15.13 -2.49
C LEU A 677 6.95 -14.78 -1.62
N LEU A 678 7.07 -14.96 -0.30
CA LEU A 678 5.98 -14.60 0.59
C LEU A 678 5.76 -13.10 0.65
N GLY A 679 6.82 -12.31 0.52
CA GLY A 679 6.65 -10.86 0.48
C GLY A 679 5.93 -10.40 -0.77
N TYR A 680 6.23 -11.01 -1.91
CA TYR A 680 5.50 -10.68 -3.13
C TYR A 680 4.08 -11.22 -3.10
N LEU A 681 3.82 -12.28 -2.32
CA LEU A 681 2.45 -12.75 -2.15
C LEU A 681 1.66 -11.87 -1.20
N ASN A 682 2.33 -11.26 -0.21
CA ASN A 682 1.65 -10.44 0.79
C ASN A 682 1.44 -9.02 0.31
N ASN A 683 2.51 -8.37 -0.17
CA ASN A 683 2.42 -6.99 -0.61
C ASN A 683 1.47 -6.79 -1.77
N LEU A 684 1.15 -7.86 -2.50
CA LEU A 684 0.11 -7.83 -3.51
C LEU A 684 -1.26 -8.17 -2.93
N GLY A 685 -1.33 -8.54 -1.66
CA GLY A 685 -2.59 -8.75 -0.96
C GLY A 685 -3.43 -9.93 -1.44
N ILE A 686 -2.79 -11.08 -1.67
CA ILE A 686 -3.52 -12.31 -1.93
C ILE A 686 -3.43 -13.28 -0.75
N VAL A 687 -2.24 -13.49 -0.21
CA VAL A 687 -2.04 -14.27 1.01
C VAL A 687 -1.17 -13.44 1.95
N LEU A 688 -1.72 -13.10 3.11
CA LEU A 688 -1.02 -12.24 4.05
C LEU A 688 -0.03 -13.03 4.88
N TYR A 689 0.97 -12.31 5.40
CA TYR A 689 2.01 -12.91 6.22
C TYR A 689 2.65 -11.82 7.05
N PHE A 690 2.66 -12.00 8.37
CA PHE A 690 3.27 -11.03 9.28
C PHE A 690 4.45 -11.66 10.01
N GLU A 691 5.33 -10.80 10.50
CA GLU A 691 6.51 -11.23 11.26
C GLU A 691 6.27 -11.22 12.76
N ALA A 692 5.04 -10.93 13.22
CA ALA A 692 4.74 -10.84 14.64
C ALA A 692 3.61 -11.77 15.06
N LEU A 693 3.33 -12.81 14.26
CA LEU A 693 2.27 -13.75 14.63
C LEU A 693 2.67 -14.58 15.84
N ASP A 694 3.88 -15.14 15.82
CA ASP A 694 4.42 -15.96 16.91
C ASP A 694 3.51 -17.16 17.24
N LEU A 695 2.70 -17.60 16.27
CA LEU A 695 1.80 -18.72 16.45
C LEU A 695 2.18 -19.83 15.48
N SER A 696 2.32 -21.06 16.00
CA SER A 696 2.68 -22.19 15.16
C SER A 696 1.48 -22.76 14.41
N GLU A 697 0.26 -22.41 14.80
CA GLU A 697 -0.92 -22.93 14.11
C GLU A 697 -1.13 -22.26 12.76
N ILE A 698 -0.78 -20.98 12.65
CA ILE A 698 -0.99 -20.20 11.43
C ILE A 698 0.32 -19.54 11.03
N TYR A 699 0.76 -19.77 9.79
CA TYR A 699 1.91 -19.07 9.23
C TYR A 699 1.49 -17.94 8.31
N VAL A 700 0.74 -18.26 7.25
CA VAL A 700 0.15 -17.23 6.40
C VAL A 700 -1.36 -17.34 6.53
N LEU A 701 -2.09 -16.40 5.91
CA LEU A 701 -3.51 -16.28 6.18
C LEU A 701 -4.18 -15.53 5.03
N ASP A 702 -5.49 -15.76 4.91
CA ASP A 702 -6.26 -15.28 3.77
C ASP A 702 -6.94 -13.97 4.09
N PRO A 703 -6.63 -12.88 3.39
CA PRO A 703 -7.28 -11.59 3.67
C PRO A 703 -8.78 -11.59 3.46
N HIS A 704 -9.32 -12.48 2.64
CA HIS A 704 -10.75 -12.49 2.36
C HIS A 704 -11.58 -12.87 3.58
N TRP A 705 -10.98 -13.52 4.57
CA TRP A 705 -11.68 -13.88 5.80
C TRP A 705 -10.99 -13.38 7.06
N VAL A 706 -9.65 -13.43 7.11
CA VAL A 706 -8.97 -13.10 8.35
C VAL A 706 -8.96 -11.60 8.63
N THR A 707 -9.22 -10.77 7.61
CA THR A 707 -9.34 -9.33 7.82
C THR A 707 -10.78 -8.93 8.10
N ILE A 708 -11.74 -9.52 7.38
CA ILE A 708 -13.14 -9.26 7.69
C ILE A 708 -13.49 -9.75 9.08
N GLY A 709 -12.80 -10.80 9.58
CA GLY A 709 -13.04 -11.23 10.95
C GLY A 709 -12.69 -10.16 11.96
N VAL A 710 -11.50 -9.56 11.82
CA VAL A 710 -11.13 -8.46 12.70
C VAL A 710 -12.09 -7.29 12.52
N TYR A 711 -12.59 -7.09 11.29
CA TYR A 711 -13.56 -6.03 11.04
C TYR A 711 -14.83 -6.24 11.86
N ARG A 712 -15.33 -7.47 11.93
CA ARG A 712 -16.58 -7.70 12.67
C ARG A 712 -16.41 -7.46 14.17
N ILE A 713 -15.40 -8.08 14.79
CA ILE A 713 -15.25 -7.93 16.22
C ILE A 713 -14.81 -6.52 16.62
N ILE A 714 -14.07 -5.81 15.75
CA ILE A 714 -13.59 -4.48 16.13
C ILE A 714 -14.75 -3.53 16.36
N ASN A 715 -15.91 -3.81 15.79
CA ASN A 715 -17.12 -3.02 16.05
C ASN A 715 -18.35 -3.89 15.82
N SER A 716 -19.10 -4.16 16.89
CA SER A 716 -20.37 -4.87 16.78
C SER A 716 -21.44 -4.31 17.72
N SER A 717 -21.30 -3.05 18.14
CA SER A 717 -22.22 -2.36 19.04
C SER A 717 -22.11 -2.91 20.46
N LYS A 718 -21.32 -3.97 20.65
CA LYS A 718 -20.98 -4.42 21.99
C LYS A 718 -19.63 -3.88 22.42
N THR A 719 -18.73 -3.68 21.45
CA THR A 719 -17.47 -3.00 21.71
C THR A 719 -17.61 -1.48 21.71
N LYS A 720 -18.73 -0.98 21.19
CA LYS A 720 -18.98 0.47 21.23
C LYS A 720 -19.09 0.96 22.66
N ASN A 721 -19.79 0.20 23.51
CA ASN A 721 -19.87 0.51 24.92
C ASN A 721 -18.49 0.43 25.56
N GLY A 722 -17.62 -0.39 24.99
CA GLY A 722 -16.23 -0.44 25.42
C GLY A 722 -15.75 -1.79 25.89
N HIS A 723 -16.66 -2.73 26.12
CA HIS A 723 -16.31 -4.04 26.65
C HIS A 723 -17.01 -5.14 25.87
N LEU A 724 -16.23 -6.13 25.43
CA LEU A 724 -16.75 -7.30 24.73
C LEU A 724 -17.04 -8.43 25.72
N ASN A 725 -18.09 -9.19 25.44
CA ASN A 725 -18.50 -10.29 26.30
C ASN A 725 -17.41 -11.35 26.37
N THR A 726 -17.61 -12.31 27.28
CA THR A 726 -16.59 -13.31 27.56
C THR A 726 -16.18 -14.07 26.30
N SER A 727 -17.12 -14.81 25.71
CA SER A 727 -16.84 -15.57 24.51
C SER A 727 -17.98 -15.47 23.51
N ALA A 728 -18.74 -14.38 23.56
CA ALA A 728 -19.87 -14.20 22.67
C ALA A 728 -19.44 -13.65 21.32
N LEU A 729 -18.44 -14.28 20.71
CA LEU A 729 -18.07 -13.94 19.34
C LEU A 729 -18.96 -14.64 18.32
N GLY A 730 -19.58 -15.76 18.71
CA GLY A 730 -20.57 -16.38 17.86
C GLY A 730 -21.79 -15.51 17.65
N TYR A 731 -22.17 -14.74 18.67
CA TYR A 731 -23.24 -13.75 18.49
C TYR A 731 -22.81 -12.69 17.47
N ILE A 732 -21.54 -12.28 17.52
CA ILE A 732 -21.03 -11.31 16.55
C ILE A 732 -21.00 -11.94 15.16
N LEU A 733 -20.21 -12.99 15.00
CA LEU A 733 -20.02 -13.65 13.71
C LEU A 733 -20.71 -15.01 13.73
N ASN A 734 -21.58 -15.24 12.75
CA ASN A 734 -22.32 -16.50 12.63
C ASN A 734 -23.12 -16.81 13.89
N THR A 752 -18.43 -19.63 6.41
CA THR A 752 -17.44 -20.58 6.91
C THR A 752 -16.68 -19.99 8.10
N TYR A 753 -17.22 -20.16 9.30
CA TYR A 753 -16.60 -19.64 10.51
C TYR A 753 -17.19 -20.38 11.70
N THR A 754 -16.33 -20.91 12.57
CA THR A 754 -16.78 -21.71 13.70
C THR A 754 -16.05 -21.35 14.99
N LEU A 755 -16.24 -22.17 16.03
CA LEU A 755 -15.63 -21.89 17.33
C LEU A 755 -14.11 -22.06 17.28
N LEU A 756 -13.63 -23.04 16.52
CA LEU A 756 -12.19 -23.19 16.33
C LEU A 756 -11.61 -21.94 15.69
N GLU A 757 -12.23 -21.47 14.61
CA GLU A 757 -11.84 -20.20 14.02
C GLU A 757 -12.09 -19.04 14.98
N GLN A 758 -13.13 -19.15 15.82
CA GLN A 758 -13.38 -18.13 16.83
C GLN A 758 -12.15 -17.91 17.71
N ARG A 759 -11.61 -18.99 18.29
CA ARG A 759 -10.46 -18.81 19.18
C ARG A 759 -9.15 -18.64 18.42
N TYR A 760 -9.05 -19.16 17.18
CA TYR A 760 -7.95 -18.75 16.31
C TYR A 760 -7.88 -17.23 16.20
N LEU A 761 -9.00 -16.61 15.81
CA LEU A 761 -9.00 -15.16 15.64
C LEU A 761 -8.89 -14.44 16.98
N LEU A 762 -9.38 -15.03 18.06
CA LEU A 762 -9.13 -14.44 19.38
C LEU A 762 -7.63 -14.30 19.63
N ASP A 763 -6.89 -15.41 19.44
CA ASP A 763 -5.45 -15.37 19.60
C ASP A 763 -4.82 -14.35 18.64
N ILE A 764 -5.34 -14.29 17.41
CA ILE A 764 -4.83 -13.34 16.43
C ILE A 764 -4.99 -11.90 16.92
N MET A 765 -6.17 -11.58 17.46
CA MET A 765 -6.42 -10.20 17.87
C MET A 765 -5.64 -9.83 19.13
N LYS A 766 -5.40 -10.77 20.04
CA LYS A 766 -4.43 -10.44 21.09
C LYS A 766 -3.02 -10.30 20.54
N GLN A 767 -2.66 -11.05 19.49
CA GLN A 767 -1.30 -10.96 18.95
C GLN A 767 -1.07 -9.66 18.21
N PHE A 768 -2.09 -9.12 17.53
CA PHE A 768 -1.96 -7.85 16.81
C PHE A 768 -1.87 -6.63 17.73
N GLU A 769 -1.87 -6.82 19.05
CA GLU A 769 -1.79 -5.72 20.01
C GLU A 769 -2.90 -4.71 19.77
N LEU A 770 -4.14 -5.21 19.86
CA LEU A 770 -5.33 -4.38 19.70
C LEU A 770 -6.21 -4.35 20.93
N CYS A 771 -6.16 -5.39 21.76
CA CYS A 771 -7.00 -5.47 22.96
C CYS A 771 -6.33 -6.38 23.97
N TYR A 772 -6.93 -6.47 25.15
CA TYR A 772 -6.39 -7.28 26.23
C TYR A 772 -7.55 -8.02 26.90
N ASP A 773 -7.28 -9.26 27.30
CA ASP A 773 -8.34 -10.15 27.79
C ASP A 773 -8.69 -9.95 29.26
N GLU A 774 -7.95 -9.11 29.99
CA GLU A 774 -8.27 -8.70 31.37
C GLU A 774 -8.54 -9.95 32.20
N GLY A 775 -9.74 -10.12 32.74
CA GLY A 775 -10.09 -11.33 33.46
C GLY A 775 -11.59 -11.56 33.42
N LYS A 776 -11.96 -12.82 33.63
CA LYS A 776 -13.38 -13.23 33.60
C LYS A 776 -14.04 -12.84 32.28
N GLY A 777 -13.30 -12.99 31.19
CA GLY A 777 -13.82 -12.67 29.86
C GLY A 777 -14.13 -11.21 29.64
N LEU A 778 -13.31 -10.32 30.17
CA LEU A 778 -13.47 -8.89 29.93
C LEU A 778 -12.54 -8.45 28.82
N PHE A 779 -12.97 -7.45 28.05
CA PHE A 779 -12.19 -7.00 26.91
C PHE A 779 -12.28 -5.48 26.83
N ILE A 780 -11.19 -4.86 26.39
CA ILE A 780 -11.04 -3.41 26.44
C ILE A 780 -11.37 -2.76 25.10
N ILE A 781 -10.82 -3.27 24.01
CA ILE A 781 -10.96 -2.71 22.66
C ILE A 781 -10.85 -1.19 22.76
N PRO A 782 -9.67 -0.65 23.03
CA PRO A 782 -9.58 0.78 23.40
C PRO A 782 -9.75 1.71 22.21
N SER A 783 -10.18 1.18 21.07
CA SER A 783 -10.47 2.01 19.90
C SER A 783 -11.93 2.46 19.93
N PHE A 803 2.59 14.78 29.71
CA PHE A 803 1.86 16.04 29.84
C PHE A 803 1.15 16.40 28.56
N ILE A 804 1.59 17.47 27.92
CA ILE A 804 1.03 17.94 26.66
C ILE A 804 1.94 17.43 25.53
N MET A 805 1.45 16.43 24.80
CA MET A 805 2.20 15.83 23.70
C MET A 805 1.35 15.93 22.44
N LYS A 806 1.91 16.53 21.39
CA LYS A 806 1.21 16.77 20.14
C LYS A 806 1.83 15.95 19.04
N TYR A 807 0.99 15.28 18.24
CA TYR A 807 1.44 14.45 17.14
C TYR A 807 0.73 14.91 15.87
N ASP A 808 1.51 15.14 14.81
CA ASP A 808 0.92 15.21 13.48
C ASP A 808 0.67 13.80 12.98
N TYR A 809 -0.47 13.61 12.30
CA TYR A 809 -0.97 12.28 11.98
C TYR A 809 -1.00 11.43 13.26
N LEU A 810 -1.87 11.85 14.18
CA LEU A 810 -2.11 11.10 15.40
C LEU A 810 -2.46 9.66 15.05
N PRO A 811 -1.60 8.71 15.40
CA PRO A 811 -1.91 7.30 15.08
C PRO A 811 -3.22 6.89 15.72
N SER A 812 -4.08 6.26 14.91
CA SER A 812 -5.38 5.84 15.40
C SER A 812 -5.25 4.83 16.54
N THR A 813 -4.33 3.88 16.41
CA THR A 813 -4.09 2.88 17.44
C THR A 813 -2.83 3.26 18.21
N ILE A 814 -3.00 4.19 19.15
CA ILE A 814 -1.96 4.49 20.13
C ILE A 814 -2.58 4.35 21.51
N ILE A 815 -3.88 4.57 21.60
CA ILE A 815 -4.66 4.34 22.82
C ILE A 815 -4.91 2.84 22.97
N PRO A 816 -5.25 2.10 21.91
CA PRO A 816 -5.31 0.64 22.05
C PRO A 816 -4.02 0.02 22.51
N ARG A 817 -2.87 0.61 22.17
CA ARG A 817 -1.59 0.07 22.61
C ARG A 817 -1.17 0.58 23.98
N LEU A 818 -1.63 1.78 24.37
CA LEU A 818 -1.36 2.28 25.72
C LEU A 818 -2.32 1.71 26.76
N MET A 819 -3.42 1.09 26.35
CA MET A 819 -4.37 0.49 27.28
C MET A 819 -4.14 -1.00 27.47
N ILE A 820 -3.11 -1.57 26.84
CA ILE A 820 -2.80 -2.99 27.07
C ILE A 820 -2.35 -3.21 28.50
N ALA A 821 -1.69 -2.22 29.10
CA ALA A 821 -1.28 -2.30 30.50
C ALA A 821 -2.53 -2.13 31.37
N MET A 822 -3.29 -3.21 31.47
CA MET A 822 -4.53 -3.21 32.24
C MET A 822 -4.31 -3.68 33.68
N GLN A 823 -3.42 -4.65 33.88
CA GLN A 823 -3.04 -5.09 35.23
C GLN A 823 -2.08 -4.12 35.91
N HIS A 824 -1.99 -2.94 35.31
CA HIS A 824 -1.24 -1.80 35.79
C HIS A 824 -2.22 -0.68 36.11
N GLN A 825 -1.69 0.53 36.32
CA GLN A 825 -2.45 1.64 36.88
C GLN A 825 -3.81 1.82 36.21
N ILE A 826 -4.87 1.56 36.97
CA ILE A 826 -6.26 1.70 36.55
C ILE A 826 -7.09 1.93 37.81
N LEU A 827 -8.01 2.89 37.76
CA LEU A 827 -8.79 3.18 38.96
C LEU A 827 -9.95 2.20 39.12
N ASP A 828 -10.95 2.29 38.23
CA ASP A 828 -11.97 1.26 38.13
C ASP A 828 -12.73 1.42 36.81
N ARG A 829 -12.50 0.52 35.86
CA ARG A 829 -13.27 0.45 34.62
C ARG A 829 -13.53 1.80 33.98
N MET A 830 -12.61 2.75 34.17
CA MET A 830 -12.84 4.13 33.75
C MET A 830 -12.14 4.37 32.43
N GLN A 831 -12.89 4.22 31.34
CA GLN A 831 -12.36 4.40 29.99
C GLN A 831 -13.38 5.15 29.16
N TRP A 832 -12.91 6.15 28.41
CA TRP A 832 -13.77 6.94 27.54
C TRP A 832 -13.97 6.34 26.17
N ARG A 833 -13.20 5.29 25.83
CA ARG A 833 -13.02 4.76 24.47
C ARG A 833 -12.17 5.74 23.67
N TYR A 834 -11.90 6.90 24.25
CA TYR A 834 -10.89 7.84 23.77
C TYR A 834 -9.93 8.21 24.89
N GLY A 835 -10.10 7.65 26.08
CA GLY A 835 -9.26 7.94 27.21
C GLY A 835 -9.43 6.87 28.28
N MET A 836 -8.82 7.12 29.43
CA MET A 836 -8.81 6.14 30.51
C MET A 836 -8.38 6.85 31.79
N VAL A 837 -8.56 6.15 32.91
CA VAL A 837 -8.12 6.63 34.22
C VAL A 837 -7.20 5.58 34.82
N LEU A 838 -6.12 6.05 35.45
CA LEU A 838 -5.11 5.17 36.01
C LEU A 838 -4.97 5.41 37.51
N LYS A 839 -4.64 4.34 38.24
CA LYS A 839 -4.41 4.41 39.68
C LYS A 839 -3.15 3.63 39.99
N SER A 840 -2.08 4.34 40.40
CA SER A 840 -0.79 3.72 40.59
C SER A 840 -0.82 2.73 41.76
N GLN A 841 -0.47 1.48 41.48
CA GLN A 841 -0.32 0.45 42.50
C GLN A 841 1.12 0.33 42.99
N ASP A 842 2.02 1.18 42.50
CA ASP A 842 3.42 1.16 42.90
C ASP A 842 3.58 1.87 44.24
N HIS A 843 4.83 2.19 44.60
CA HIS A 843 5.10 2.89 45.84
C HIS A 843 4.33 4.20 45.91
N GLU A 844 3.82 4.50 47.10
CA GLU A 844 2.95 5.65 47.35
C GLU A 844 1.67 5.55 46.52
N GLY A 845 0.93 6.65 46.42
CA GLY A 845 -0.32 6.65 45.70
C GLY A 845 -0.47 7.80 44.72
N ALA A 846 -0.65 7.48 43.44
CA ALA A 846 -0.81 8.49 42.39
C ALA A 846 -2.01 8.13 41.53
N LEU A 847 -2.78 9.16 41.16
CA LEU A 847 -3.93 9.01 40.29
C LEU A 847 -3.64 9.68 38.96
N ALA A 848 -3.86 8.94 37.87
CA ALA A 848 -3.51 9.40 36.54
C ALA A 848 -4.67 9.16 35.57
N LYS A 849 -4.64 9.88 34.46
CA LYS A 849 -5.65 9.72 33.42
C LYS A 849 -5.09 10.25 32.11
N VAL A 850 -5.15 9.43 31.06
CA VAL A 850 -4.72 9.81 29.73
C VAL A 850 -5.91 9.70 28.78
N VAL A 851 -6.16 10.79 28.03
CA VAL A 851 -7.30 10.88 27.14
C VAL A 851 -6.86 11.53 25.83
N ALA A 852 -7.48 11.10 24.74
CA ALA A 852 -7.13 11.56 23.39
C ALA A 852 -8.21 12.46 22.83
N GLU A 853 -7.80 13.31 21.88
CA GLU A 853 -8.69 14.24 21.20
C GLU A 853 -8.39 14.17 19.71
N THR A 854 -9.24 13.46 18.97
CA THR A 854 -9.00 13.27 17.53
C THR A 854 -9.09 14.59 16.78
N LYS A 855 -10.03 15.45 17.16
CA LYS A 855 -10.21 16.72 16.46
C LYS A 855 -9.01 17.65 16.60
N ASP A 856 -8.17 17.45 17.62
CA ASP A 856 -7.00 18.26 17.83
C ASP A 856 -5.69 17.49 17.65
N SER A 857 -5.75 16.16 17.50
CA SER A 857 -4.56 15.32 17.38
C SER A 857 -3.62 15.53 18.56
N THR A 858 -4.17 15.48 19.77
CA THR A 858 -3.41 15.71 20.99
C THR A 858 -3.74 14.64 22.01
N ILE A 859 -2.86 14.53 23.01
CA ILE A 859 -3.00 13.57 24.09
C ILE A 859 -2.75 14.31 25.40
N THR A 860 -3.54 14.00 26.43
CA THR A 860 -3.42 14.65 27.72
C THR A 860 -2.97 13.66 28.78
N ILE A 861 -2.32 14.18 29.82
CA ILE A 861 -1.79 13.38 30.90
C ILE A 861 -2.20 14.00 32.23
N ALA A 862 -2.78 13.19 33.11
CA ALA A 862 -3.15 13.63 34.44
C ALA A 862 -2.21 13.00 35.47
N ILE A 863 -1.97 13.74 36.54
CA ILE A 863 -1.08 13.26 37.60
C ILE A 863 -1.38 13.99 38.89
N ILE A 876 6.64 6.21 33.62
CA ILE A 876 6.12 4.93 33.15
C ILE A 876 5.17 5.16 31.98
N ILE A 877 4.29 6.14 32.12
CA ILE A 877 3.34 6.46 31.05
C ILE A 877 4.09 6.95 29.82
N TRP A 878 5.05 7.86 30.03
CA TRP A 878 5.85 8.35 28.91
C TRP A 878 6.68 7.22 28.29
N TYR A 879 7.20 6.33 29.14
CA TYR A 879 7.96 5.19 28.63
C TYR A 879 7.10 4.30 27.75
N GLU A 880 5.87 4.02 28.17
CA GLU A 880 4.97 3.20 27.35
C GLU A 880 4.59 3.92 26.07
N ILE A 881 4.36 5.24 26.14
CA ILE A 881 4.03 6.00 24.94
C ILE A 881 5.18 5.95 23.94
N LYS A 882 6.42 6.09 24.43
CA LYS A 882 7.57 6.02 23.54
C LYS A 882 7.76 4.61 22.98
N LYS A 883 7.54 3.58 23.80
CA LYS A 883 7.65 2.21 23.33
C LYS A 883 6.61 1.90 22.26
N ILE A 884 5.45 2.58 22.32
CA ILE A 884 4.43 2.36 21.31
C ILE A 884 4.72 3.16 20.04
N ASN A 885 5.14 4.43 20.20
CA ASN A 885 5.43 5.24 19.02
C ASN A 885 6.75 4.86 18.35
N ALA A 886 7.55 4.00 18.98
CA ALA A 886 8.79 3.54 18.35
C ALA A 886 8.51 2.76 17.08
N ASN A 887 7.32 2.18 16.94
CA ASN A 887 6.96 1.45 15.74
C ASN A 887 6.48 2.40 14.66
N PHE A 888 7.27 3.43 14.36
CA PHE A 888 6.97 4.39 13.32
C PHE A 888 8.28 4.86 12.71
N THR A 889 8.22 5.24 11.44
CA THR A 889 9.41 5.63 10.68
C THR A 889 9.38 7.14 10.45
N ASN A 890 10.18 7.85 11.24
CA ASN A 890 10.31 9.31 11.13
C ASN A 890 8.95 10.00 11.35
N LEU A 891 8.27 9.62 12.43
CA LEU A 891 7.01 10.23 12.82
C LEU A 891 7.30 11.42 13.72
N ASP A 892 6.99 12.62 13.24
CA ASP A 892 7.27 13.82 14.01
C ASP A 892 6.35 13.92 15.22
N VAL A 893 6.92 14.34 16.35
CA VAL A 893 6.19 14.48 17.60
C VAL A 893 6.51 15.84 18.20
N LYS A 894 5.58 16.34 19.02
CA LYS A 894 5.74 17.63 19.68
C LYS A 894 5.35 17.50 21.15
N GLU A 895 6.18 18.03 22.03
CA GLU A 895 5.94 17.98 23.47
C GLU A 895 5.77 19.40 24.00
N PHE A 896 4.83 19.56 24.93
CA PHE A 896 4.56 20.85 25.54
C PHE A 896 4.21 20.69 27.02
N GLN B 13 14.96 22.53 -34.49
CA GLN B 13 14.91 23.88 -33.93
C GLN B 13 14.28 23.85 -32.53
N ALA B 14 14.34 24.97 -31.83
CA ALA B 14 13.93 25.01 -30.43
C ALA B 14 12.44 24.74 -30.29
N GLY B 15 12.09 23.79 -29.43
CA GLY B 15 10.70 23.42 -29.25
C GLY B 15 10.07 22.76 -30.46
N GLY B 16 10.83 21.96 -31.19
CA GLY B 16 10.35 21.27 -32.37
C GLY B 16 9.98 19.83 -32.09
N SER B 17 10.10 18.99 -33.11
CA SER B 17 9.80 17.58 -33.02
C SER B 17 10.92 16.77 -33.65
N LEU B 18 11.19 15.59 -33.09
CA LEU B 18 12.28 14.74 -33.59
C LEU B 18 12.01 13.31 -33.15
N ARG B 19 11.72 12.43 -34.10
CA ARG B 19 11.46 11.03 -33.79
C ARG B 19 12.71 10.21 -34.08
N LEU B 20 13.25 9.57 -33.05
CA LEU B 20 14.42 8.72 -33.17
C LEU B 20 13.99 7.26 -33.08
N SER B 21 14.44 6.44 -34.02
CA SER B 21 14.11 5.03 -34.07
C SER B 21 15.34 4.20 -33.76
N CYS B 22 15.18 3.21 -32.89
CA CYS B 22 16.27 2.31 -32.51
C CYS B 22 15.77 0.88 -32.69
N ALA B 23 16.41 0.13 -33.57
CA ALA B 23 15.95 -1.19 -33.96
C ALA B 23 16.90 -2.27 -33.44
N ASN B 24 16.31 -3.37 -32.96
CA ASN B 24 17.06 -4.54 -32.52
C ASN B 24 16.46 -5.77 -33.17
N SER B 25 17.31 -6.62 -33.75
CA SER B 25 16.86 -7.79 -34.49
C SER B 25 17.57 -9.03 -33.98
N GLY B 26 16.81 -10.07 -33.72
CA GLY B 26 17.35 -11.36 -33.33
C GLY B 26 18.17 -11.34 -32.05
N LEU B 27 17.53 -11.05 -30.93
CA LEU B 27 18.19 -11.05 -29.63
C LEU B 27 17.23 -11.63 -28.60
N THR B 28 17.56 -11.43 -27.33
CA THR B 28 16.74 -12.00 -26.24
C THR B 28 15.32 -11.47 -26.28
N PHE B 29 15.17 -10.15 -26.46
CA PHE B 29 13.87 -9.50 -26.58
C PHE B 29 13.05 -9.66 -25.30
N SER B 30 12.59 -10.88 -25.02
CA SER B 30 11.84 -11.12 -23.79
C SER B 30 12.69 -10.83 -22.56
N THR B 31 13.94 -11.28 -22.58
CA THR B 31 14.90 -10.96 -21.53
C THR B 31 15.74 -9.73 -21.91
N TYR B 32 15.05 -8.64 -22.25
CA TYR B 32 15.72 -7.41 -22.64
C TYR B 32 14.77 -6.25 -22.46
N THR B 33 15.28 -5.16 -21.88
CA THR B 33 14.55 -3.90 -21.76
C THR B 33 15.37 -2.84 -22.48
N MET B 34 14.68 -1.95 -23.19
CA MET B 34 15.34 -0.92 -23.99
C MET B 34 15.22 0.42 -23.30
N GLY B 35 16.36 1.04 -23.01
CA GLY B 35 16.38 2.33 -22.34
C GLY B 35 17.16 3.35 -23.13
N TRP B 36 16.63 4.57 -23.18
CA TRP B 36 17.30 5.68 -23.84
C TRP B 36 18.05 6.50 -22.81
N PHE B 37 19.31 6.84 -23.12
CA PHE B 37 20.15 7.57 -22.19
C PHE B 37 20.79 8.75 -22.91
N ARG B 38 20.64 9.95 -22.36
CA ARG B 38 21.16 11.16 -22.97
C ARG B 38 22.36 11.64 -22.16
N GLN B 39 23.52 11.73 -22.83
CA GLN B 39 24.71 12.29 -22.17
C GLN B 39 25.69 12.79 -23.23
N ALA B 40 25.67 14.09 -23.50
CA ALA B 40 26.68 14.69 -24.36
C ALA B 40 27.99 14.93 -23.62
N PRO B 41 28.01 15.76 -22.52
CA PRO B 41 29.28 16.13 -21.88
C PRO B 41 29.68 15.19 -20.74
N GLY B 42 29.71 13.89 -21.02
CA GLY B 42 30.06 12.92 -20.00
C GLY B 42 29.12 12.96 -18.81
N LYS B 43 27.81 12.98 -19.08
CA LYS B 43 26.80 13.16 -18.05
C LYS B 43 26.48 11.86 -17.31
N GLU B 44 27.38 10.89 -17.35
CA GLU B 44 27.28 9.63 -16.60
C GLU B 44 26.06 8.81 -17.02
N ARG B 45 25.66 8.93 -18.29
CA ARG B 45 24.60 8.11 -18.87
C ARG B 45 23.29 8.26 -18.08
N GLU B 46 22.75 9.48 -18.08
CA GLU B 46 21.52 9.75 -17.36
C GLU B 46 20.34 9.03 -18.00
N PHE B 47 19.47 8.47 -17.17
CA PHE B 47 18.32 7.73 -17.63
C PHE B 47 17.23 8.69 -18.11
N VAL B 48 16.68 8.41 -19.30
CA VAL B 48 15.65 9.24 -19.91
C VAL B 48 14.30 8.52 -19.93
N ALA B 49 14.22 7.39 -20.60
CA ALA B 49 12.97 6.65 -20.71
C ALA B 49 13.27 5.22 -21.11
N ALA B 50 12.75 4.26 -20.35
CA ALA B 50 12.94 2.85 -20.64
C ALA B 50 11.60 2.19 -20.90
N ILE B 51 11.66 1.01 -21.53
CA ILE B 51 10.47 0.23 -21.82
C ILE B 51 10.85 -1.25 -21.83
N ARG B 52 10.13 -2.03 -21.02
CA ARG B 52 10.19 -3.48 -21.07
C ARG B 52 8.94 -4.00 -21.80
N TRP B 53 8.88 -3.72 -23.10
CA TRP B 53 7.72 -4.14 -23.87
C TRP B 53 7.89 -5.58 -24.32
N SER B 54 6.82 -6.36 -24.19
CA SER B 54 6.77 -7.76 -24.57
C SER B 54 5.55 -7.94 -25.45
N GLY B 55 5.75 -7.86 -26.77
CA GLY B 55 4.61 -7.84 -27.67
C GLY B 55 3.78 -6.60 -27.44
N THR B 56 2.47 -6.77 -27.39
CA THR B 56 1.58 -5.65 -27.08
C THR B 56 1.71 -5.19 -25.63
N SER B 57 2.22 -6.04 -24.76
CA SER B 57 2.33 -5.69 -23.34
C SER B 57 3.51 -4.75 -23.11
N THR B 58 3.47 -4.06 -21.96
CA THR B 58 4.51 -3.14 -21.56
C THR B 58 4.53 -3.09 -20.03
N TYR B 59 5.71 -3.26 -19.44
CA TYR B 59 5.82 -3.42 -17.99
C TYR B 59 6.41 -2.17 -17.33
N TYR B 60 7.58 -1.70 -17.75
CA TYR B 60 8.26 -0.66 -16.98
C TYR B 60 7.69 0.72 -17.29
N GLN B 61 7.88 1.19 -18.52
CA GLN B 61 7.23 2.41 -19.05
C GLN B 61 7.29 3.56 -18.04
N ASP B 62 8.51 4.05 -17.81
CA ASP B 62 8.72 5.15 -16.87
C ASP B 62 9.62 6.20 -17.48
N HIS B 63 9.48 7.44 -17.00
CA HIS B 63 10.25 8.58 -17.48
C HIS B 63 11.06 9.19 -16.34
N ALA B 64 11.67 10.35 -16.61
CA ALA B 64 12.41 11.07 -15.58
C ALA B 64 12.53 12.53 -15.98
N ASP B 65 12.48 13.41 -14.98
CA ASP B 65 12.72 14.84 -15.17
C ASP B 65 11.73 15.46 -16.15
N SER B 66 12.13 15.55 -17.42
CA SER B 66 11.26 16.12 -18.45
C SER B 66 9.92 15.40 -18.51
N VAL B 67 9.90 14.11 -18.19
CA VAL B 67 8.69 13.33 -17.99
C VAL B 67 7.92 13.18 -19.31
N LYS B 68 6.64 12.85 -19.21
CA LYS B 68 5.82 12.55 -20.37
C LYS B 68 5.32 13.84 -21.02
N GLY B 69 4.71 13.70 -22.20
CA GLY B 69 4.27 14.83 -22.97
C GLY B 69 5.43 15.55 -23.61
N ARG B 70 6.38 16.01 -22.78
CA ARG B 70 7.63 16.54 -23.29
C ARG B 70 8.38 15.49 -24.11
N PHE B 71 8.59 14.31 -23.54
CA PHE B 71 9.26 13.19 -24.20
C PHE B 71 8.29 12.03 -24.28
N THR B 72 8.09 11.48 -25.46
CA THR B 72 7.19 10.35 -25.64
C THR B 72 8.00 9.11 -26.01
N ILE B 73 7.62 7.96 -25.47
CA ILE B 73 8.31 6.70 -25.75
C ILE B 73 7.29 5.69 -26.23
N SER B 74 7.66 4.94 -27.27
CA SER B 74 6.77 3.92 -27.81
C SER B 74 7.61 2.77 -28.35
N ARG B 75 6.97 1.62 -28.54
CA ARG B 75 7.63 0.45 -29.07
C ARG B 75 6.69 -0.24 -30.05
N ASP B 76 7.19 -0.59 -31.23
CA ASP B 76 6.41 -1.33 -32.22
C ASP B 76 7.06 -2.67 -32.48
N ASN B 77 6.26 -3.74 -32.37
CA ASN B 77 6.69 -5.11 -32.59
C ASN B 77 6.64 -5.53 -34.06
N ALA B 78 6.07 -4.70 -34.93
CA ALA B 78 6.02 -5.04 -36.34
C ALA B 78 7.42 -5.14 -36.94
N LYS B 79 8.31 -4.23 -36.55
CA LYS B 79 9.70 -4.25 -36.99
C LYS B 79 10.68 -4.26 -35.82
N ASN B 80 10.20 -4.53 -34.60
CA ASN B 80 11.04 -4.62 -33.41
C ASN B 80 11.86 -3.35 -33.22
N THR B 81 11.15 -2.23 -33.02
CA THR B 81 11.80 -0.94 -32.92
C THR B 81 11.23 -0.18 -31.74
N VAL B 82 12.04 0.74 -31.22
CA VAL B 82 11.63 1.64 -30.14
C VAL B 82 11.79 3.08 -30.63
N TYR B 83 10.74 3.88 -30.42
CA TYR B 83 10.66 5.23 -30.96
C TYR B 83 10.61 6.24 -29.82
N LEU B 84 11.50 7.23 -29.89
CA LEU B 84 11.55 8.33 -28.93
C LEU B 84 11.13 9.61 -29.64
N GLN B 85 10.03 10.20 -29.21
CA GLN B 85 9.47 11.41 -29.79
C GLN B 85 9.88 12.61 -28.95
N MET B 86 10.57 13.56 -29.59
CA MET B 86 11.09 14.76 -28.96
C MET B 86 10.14 15.90 -29.32
N ASN B 87 9.51 16.48 -28.31
CA ASN B 87 8.59 17.60 -28.49
C ASN B 87 8.88 18.66 -27.43
N SER B 88 8.68 19.93 -27.83
CA SER B 88 8.98 21.07 -26.97
C SER B 88 10.43 21.01 -26.47
N LEU B 89 11.34 20.71 -27.39
CA LEU B 89 12.74 20.49 -27.04
C LEU B 89 13.37 21.80 -26.55
N LYS B 90 13.85 21.77 -25.31
CA LYS B 90 14.51 22.93 -24.73
C LYS B 90 15.96 22.99 -25.21
N PRO B 91 16.43 24.14 -25.72
CA PRO B 91 17.75 24.16 -26.36
C PRO B 91 18.90 23.77 -25.44
N GLU B 92 18.83 24.10 -24.16
CA GLU B 92 19.89 23.70 -23.23
C GLU B 92 19.91 22.20 -22.99
N ASP B 93 18.80 21.51 -23.29
CA ASP B 93 18.75 20.05 -23.19
C ASP B 93 19.37 19.42 -24.46
N THR B 94 20.61 19.82 -24.72
CA THR B 94 21.36 19.32 -25.88
C THR B 94 22.23 18.17 -25.43
N ALA B 95 21.89 16.96 -25.87
CA ALA B 95 22.65 15.77 -25.50
C ALA B 95 22.48 14.72 -26.58
N VAL B 96 23.40 13.76 -26.58
CA VAL B 96 23.35 12.64 -27.51
C VAL B 96 22.68 11.45 -26.83
N TYR B 97 21.83 10.76 -27.58
CA TYR B 97 21.01 9.67 -27.08
C TYR B 97 21.60 8.33 -27.48
N TYR B 98 21.64 7.40 -26.53
CA TYR B 98 22.15 6.06 -26.74
C TYR B 98 21.09 5.04 -26.32
N CYS B 99 21.12 3.88 -26.96
CA CYS B 99 20.22 2.77 -26.65
C CYS B 99 20.96 1.77 -25.77
N ALA B 100 20.32 1.32 -24.71
CA ALA B 100 20.92 0.35 -23.81
C ALA B 100 19.95 -0.80 -23.56
N ALA B 101 20.48 -2.01 -23.46
CA ALA B 101 19.68 -3.22 -23.30
C ALA B 101 20.00 -3.86 -21.95
N SER B 102 18.95 -4.16 -21.19
CA SER B 102 19.09 -4.88 -19.93
C SER B 102 18.57 -6.30 -20.07
N ARG B 103 19.29 -7.26 -19.49
CA ARG B 103 18.98 -8.67 -19.66
C ARG B 103 18.66 -9.42 -18.37
N LEU B 104 19.01 -8.88 -17.21
CA LEU B 104 18.84 -9.63 -15.96
C LEU B 104 17.35 -9.84 -15.67
N ARG B 105 17.01 -11.04 -15.21
CA ARG B 105 15.62 -11.40 -14.91
C ARG B 105 15.41 -11.59 -13.41
N ALA B 106 16.08 -10.77 -12.59
CA ALA B 106 15.93 -10.83 -11.14
C ALA B 106 15.94 -9.39 -10.61
N GLY B 107 14.75 -8.85 -10.38
CA GLY B 107 14.62 -7.47 -9.93
C GLY B 107 14.27 -6.53 -11.06
N VAL B 108 13.01 -6.08 -11.08
CA VAL B 108 12.57 -5.19 -12.14
C VAL B 108 13.24 -3.83 -12.00
N LYS B 109 13.18 -3.05 -13.09
CA LYS B 109 13.73 -1.70 -13.13
C LYS B 109 15.22 -1.70 -12.79
N ALA B 110 15.99 -2.34 -13.67
CA ALA B 110 17.42 -2.54 -13.45
C ALA B 110 18.23 -1.54 -14.26
N PRO B 111 18.63 -0.41 -13.66
CA PRO B 111 19.44 0.57 -14.40
C PRO B 111 20.86 0.08 -14.65
N SER B 112 21.51 -0.41 -13.60
CA SER B 112 22.90 -0.85 -13.70
C SER B 112 23.07 -2.07 -14.59
N GLU B 113 21.99 -2.76 -14.93
CA GLU B 113 22.05 -3.95 -15.77
C GLU B 113 21.94 -3.61 -17.25
N TYR B 114 21.90 -2.34 -17.62
CA TYR B 114 21.94 -1.92 -19.01
C TYR B 114 23.40 -2.02 -19.48
N ASP B 115 23.82 -3.25 -19.75
CA ASP B 115 25.20 -3.54 -20.12
C ASP B 115 25.41 -3.51 -21.63
N TYR B 116 24.51 -4.13 -22.39
CA TYR B 116 24.62 -4.20 -23.85
C TYR B 116 24.24 -2.85 -24.43
N TRP B 117 25.24 -1.99 -24.60
CA TRP B 117 25.02 -0.70 -25.23
C TRP B 117 24.71 -0.87 -26.71
N GLY B 118 23.85 0.00 -27.23
CA GLY B 118 23.42 -0.11 -28.60
C GLY B 118 24.36 0.55 -29.59
N GLN B 119 23.81 1.09 -30.68
CA GLN B 119 24.61 1.73 -31.71
C GLN B 119 25.08 3.10 -31.27
#